data_6S5H
#
_entry.id   6S5H
#
_cell.length_a   35.804
_cell.length_b   144.174
_cell.length_c   77.523
_cell.angle_alpha   90.000
_cell.angle_beta   90.000
_cell.angle_gamma   90.000
#
_symmetry.space_group_name_H-M   'C 2 2 21'
#
loop_
_entity.id
_entity.type
_entity.pdbx_description
1 polymer 'Ras-related protein Rab-38'
2 non-polymer "GUANOSINE-5'-TRIPHOSPHATE"
3 non-polymer 1,2-ETHANEDIOL
4 non-polymer 'MAGNESIUM ION'
5 non-polymer 'BROMIDE ION'
6 water water
#
_entity_poly.entity_id   1
_entity_poly.type   'polypeptide(L)'
_entity_poly.pdbx_seq_one_letter_code
;SMQAPHKEHLYKLLVIGDLGVGKTSIIKRYVHQNFSSHYRATIGVDFALKVLHWDPETVVRLQLWDIAGQERFGNMTRVY
YREAMGAFIVFDVTRPATFEAVAKWKNDLDSKLSLPNGKPVSVVLLANKCDQGKDVLMNNGLKMDQFCKEHGFVGWFETS
AKENINIDEASRCLVKHILANECDLMESIEPDVVKPHLTSTKVASCSG
;
_entity_poly.pdbx_strand_id   A
#
# COMPACT_ATOMS: atom_id res chain seq x y z
N SER A 1 7.11 13.85 33.05
CA SER A 1 6.48 13.12 31.89
C SER A 1 7.52 12.32 31.14
N MET A 2 7.13 11.77 29.99
CA MET A 2 8.03 10.93 29.16
C MET A 2 8.98 11.83 28.37
N GLN A 3 10.18 11.33 28.10
CA GLN A 3 11.16 11.94 27.18
C GLN A 3 10.52 11.89 25.79
N ALA A 4 10.42 13.05 25.13
CA ALA A 4 9.85 13.18 23.76
C ALA A 4 10.66 12.28 22.84
N PRO A 5 10.02 11.63 21.83
CA PRO A 5 10.78 10.98 20.76
C PRO A 5 11.91 11.86 20.19
N HIS A 6 13.08 11.26 19.96
CA HIS A 6 14.22 11.86 19.21
C HIS A 6 13.74 12.32 17.83
N LYS A 7 13.04 11.45 17.07
CA LYS A 7 12.61 11.71 15.66
C LYS A 7 11.17 11.27 15.46
N GLU A 8 10.39 12.08 14.76
CA GLU A 8 9.01 11.76 14.30
C GLU A 8 8.94 11.95 12.78
N HIS A 9 8.48 10.93 12.06
CA HIS A 9 8.33 10.92 10.59
C HIS A 9 6.84 10.92 10.28
N LEU A 10 6.46 11.68 9.26
CA LEU A 10 5.11 11.60 8.66
C LEU A 10 5.27 11.24 7.18
N TYR A 11 4.71 10.12 6.75
CA TYR A 11 4.80 9.61 5.35
C TYR A 11 3.39 9.42 4.82
N LYS A 12 3.10 9.98 3.65
CA LYS A 12 1.90 9.61 2.87
C LYS A 12 2.17 8.28 2.14
N LEU A 13 1.29 7.30 2.33
CA LEU A 13 1.37 6.00 1.60
C LEU A 13 0.07 5.78 0.82
N LEU A 14 0.20 5.28 -0.40
CA LEU A 14 -0.95 5.03 -1.30
C LEU A 14 -1.33 3.55 -1.16
N VAL A 15 -2.62 3.28 -1.21
CA VAL A 15 -3.13 1.89 -1.37
C VAL A 15 -3.98 1.87 -2.64
N ILE A 16 -3.49 1.14 -3.65
CA ILE A 16 -4.07 1.10 -5.01
C ILE A 16 -4.19 -0.36 -5.48
N GLY A 17 -4.99 -0.53 -6.50
CA GLY A 17 -5.32 -1.85 -7.02
C GLY A 17 -6.73 -1.77 -7.53
N ASP A 18 -7.16 -2.75 -8.31
CA ASP A 18 -8.48 -2.64 -8.99
C ASP A 18 -9.63 -2.90 -8.00
N LEU A 19 -10.85 -2.72 -8.51
CA LEU A 19 -12.12 -2.83 -7.74
CA LEU A 19 -12.12 -2.84 -7.74
C LEU A 19 -12.13 -4.14 -6.92
N GLY A 20 -12.39 -4.04 -5.62
CA GLY A 20 -12.75 -5.20 -4.75
C GLY A 20 -11.56 -6.05 -4.31
N VAL A 21 -10.32 -5.63 -4.55
CA VAL A 21 -9.13 -6.49 -4.24
C VAL A 21 -8.85 -6.52 -2.72
N GLY A 22 -9.40 -5.59 -1.96
CA GLY A 22 -9.23 -5.59 -0.49
C GLY A 22 -8.47 -4.39 0.05
N LYS A 23 -8.29 -3.34 -0.75
CA LYS A 23 -7.58 -2.12 -0.31
C LYS A 23 -8.17 -1.63 1.02
N THR A 24 -9.47 -1.36 1.05
CA THR A 24 -10.12 -0.76 2.25
C THR A 24 -9.99 -1.71 3.45
N SER A 25 -10.18 -3.00 3.22
CA SER A 25 -10.12 -4.06 4.25
C SER A 25 -8.72 -4.11 4.86
N ILE A 26 -7.67 -4.05 4.04
CA ILE A 26 -6.27 -4.13 4.51
C ILE A 26 -6.05 -2.96 5.46
N ILE A 27 -6.51 -1.77 5.08
CA ILE A 27 -6.32 -0.53 5.87
C ILE A 27 -7.11 -0.67 7.19
N LYS A 28 -8.36 -1.12 7.11
CA LYS A 28 -9.27 -1.29 8.28
CA LYS A 28 -9.24 -1.27 8.30
C LYS A 28 -8.65 -2.30 9.26
N ARG A 29 -8.10 -3.39 8.75
CA ARG A 29 -7.39 -4.37 9.60
C ARG A 29 -6.19 -3.70 10.26
N TYR A 30 -5.36 -3.03 9.48
CA TYR A 30 -4.05 -2.51 9.91
C TYR A 30 -4.25 -1.45 10.98
N VAL A 31 -5.22 -0.57 10.76
CA VAL A 31 -5.46 0.62 11.61
C VAL A 31 -6.46 0.31 12.74
N HIS A 32 -7.54 -0.43 12.48
CA HIS A 32 -8.69 -0.55 13.43
C HIS A 32 -8.86 -1.98 13.93
N GLN A 33 -7.98 -2.90 13.55
CA GLN A 33 -7.98 -4.27 14.07
C GLN A 33 -9.35 -4.90 13.79
N ASN A 34 -9.95 -4.62 12.64
CA ASN A 34 -11.29 -5.18 12.36
CA ASN A 34 -11.32 -5.10 12.33
C ASN A 34 -11.42 -5.59 10.88
N PHE A 35 -12.37 -6.48 10.64
CA PHE A 35 -12.77 -6.92 9.30
C PHE A 35 -14.29 -7.14 9.28
N SER A 36 -14.92 -6.80 8.17
CA SER A 36 -16.26 -7.34 7.81
CA SER A 36 -16.29 -7.22 7.76
C SER A 36 -16.25 -7.73 6.33
N SER A 37 -16.99 -8.78 6.02
CA SER A 37 -17.12 -9.31 4.65
C SER A 37 -18.04 -8.39 3.82
N HIS A 38 -18.71 -7.41 4.45
CA HIS A 38 -19.67 -6.55 3.73
C HIS A 38 -18.88 -5.60 2.84
N TYR A 39 -19.11 -5.63 1.53
CA TYR A 39 -18.40 -4.77 0.54
C TYR A 39 -19.02 -3.37 0.56
N ARG A 40 -18.29 -2.41 1.12
CA ARG A 40 -18.55 -0.95 1.01
C ARG A 40 -17.55 -0.33 0.01
N ALA A 41 -17.89 -0.25 -1.28
CA ALA A 41 -17.00 0.30 -2.33
C ALA A 41 -16.58 1.73 -1.99
N THR A 42 -15.29 2.01 -2.11
CA THR A 42 -14.74 3.34 -1.84
C THR A 42 -15.22 4.28 -2.95
N ILE A 43 -15.64 5.49 -2.58
CA ILE A 43 -15.99 6.57 -3.55
C ILE A 43 -14.84 7.55 -3.53
N GLY A 44 -14.10 7.59 -4.63
CA GLY A 44 -12.92 8.44 -4.84
C GLY A 44 -11.76 7.97 -3.97
N VAL A 45 -11.67 8.52 -2.78
CA VAL A 45 -10.53 8.25 -1.87
C VAL A 45 -11.03 8.46 -0.44
N ASP A 46 -10.55 7.64 0.49
CA ASP A 46 -10.75 7.78 1.95
C ASP A 46 -9.36 7.78 2.59
N PHE A 47 -9.28 8.10 3.88
CA PHE A 47 -8.00 8.36 4.56
C PHE A 47 -8.01 7.67 5.91
N ALA A 48 -6.84 7.22 6.35
CA ALA A 48 -6.61 6.68 7.71
C ALA A 48 -5.19 7.03 8.16
N LEU A 49 -4.96 6.98 9.45
CA LEU A 49 -3.68 7.31 10.09
C LEU A 49 -3.22 6.11 10.92
N LYS A 50 -2.04 5.59 10.62
CA LYS A 50 -1.39 4.55 11.45
C LYS A 50 -0.25 5.22 12.19
N VAL A 51 -0.21 5.06 13.52
CA VAL A 51 0.93 5.52 14.36
C VAL A 51 1.78 4.31 14.69
N LEU A 52 3.03 4.31 14.25
CA LEU A 52 4.00 3.26 14.61
C LEU A 52 4.96 3.84 15.64
N HIS A 53 5.02 3.23 16.83
CA HIS A 53 6.12 3.46 17.79
C HIS A 53 7.28 2.63 17.25
N TRP A 54 7.93 3.18 16.23
CA TRP A 54 8.94 2.51 15.37
C TRP A 54 10.11 1.99 16.21
N ASP A 55 10.62 2.83 17.11
CA ASP A 55 11.58 2.41 18.17
C ASP A 55 11.32 3.31 19.38
N PRO A 56 11.90 3.00 20.56
CA PRO A 56 11.67 3.83 21.75
C PRO A 56 11.93 5.33 21.50
N GLU A 57 12.77 5.67 20.51
CA GLU A 57 13.15 7.07 20.16
C GLU A 57 12.33 7.64 19.00
N THR A 58 11.53 6.83 18.29
CA THR A 58 11.03 7.18 16.93
C THR A 58 9.55 6.84 16.72
N VAL A 59 8.78 7.84 16.32
CA VAL A 59 7.38 7.64 15.85
C VAL A 59 7.38 7.79 14.33
N VAL A 60 6.66 6.89 13.67
CA VAL A 60 6.35 6.98 12.23
C VAL A 60 4.84 7.07 12.11
N ARG A 61 4.37 8.19 11.58
CA ARG A 61 2.94 8.40 11.25
C ARG A 61 2.74 8.12 9.77
N LEU A 62 1.79 7.25 9.43
CA LEU A 62 1.49 6.88 8.03
C LEU A 62 0.11 7.41 7.69
N GLN A 63 0.08 8.39 6.79
CA GLN A 63 -1.15 8.96 6.20
CA GLN A 63 -1.18 8.93 6.22
C GLN A 63 -1.53 8.05 5.02
N LEU A 64 -2.46 7.12 5.24
CA LEU A 64 -2.83 6.10 4.23
C LEU A 64 -3.92 6.66 3.34
N TRP A 65 -3.66 6.65 2.03
CA TRP A 65 -4.63 7.10 0.99
C TRP A 65 -5.26 5.84 0.40
N ASP A 66 -6.52 5.61 0.74
CA ASP A 66 -7.35 4.46 0.31
C ASP A 66 -8.03 4.84 -0.99
N ILE A 67 -7.37 4.62 -2.12
CA ILE A 67 -7.87 5.08 -3.45
C ILE A 67 -8.87 4.04 -3.97
N ALA A 68 -9.96 4.51 -4.58
CA ALA A 68 -10.98 3.63 -5.18
C ALA A 68 -10.39 2.94 -6.42
N GLY A 69 -10.77 1.72 -6.70
CA GLY A 69 -10.10 0.89 -7.74
C GLY A 69 -10.30 1.39 -9.16
N GLN A 70 -11.36 2.15 -9.45
CA GLN A 70 -11.57 2.69 -10.82
C GLN A 70 -10.87 4.05 -11.01
N GLU A 71 -10.13 4.56 -10.01
CA GLU A 71 -9.53 5.93 -10.14
C GLU A 71 -8.47 5.94 -11.25
N ARG A 72 -7.87 4.81 -11.58
CA ARG A 72 -6.82 4.81 -12.63
C ARG A 72 -7.46 5.04 -14.01
N PHE A 73 -8.78 5.00 -14.14
CA PHE A 73 -9.45 5.38 -15.42
C PHE A 73 -9.75 6.89 -15.46
N GLY A 74 -9.59 7.60 -14.35
CA GLY A 74 -9.74 9.07 -14.30
C GLY A 74 -8.49 9.78 -14.79
N ASN A 75 -8.43 11.10 -14.61
CA ASN A 75 -7.44 11.92 -15.37
CA ASN A 75 -7.46 11.95 -15.36
C ASN A 75 -6.34 12.46 -14.44
N MET A 76 -6.64 12.68 -13.15
CA MET A 76 -5.64 13.19 -12.14
C MET A 76 -5.43 12.20 -10.95
N THR A 77 -4.96 10.97 -11.21
CA THR A 77 -4.28 10.13 -10.20
C THR A 77 -2.99 10.85 -9.78
N ARG A 78 -2.45 11.66 -10.67
CA ARG A 78 -1.22 12.45 -10.44
C ARG A 78 -1.39 13.27 -9.15
N VAL A 79 -2.59 13.80 -8.88
CA VAL A 79 -2.91 14.57 -7.64
C VAL A 79 -2.93 13.62 -6.41
N TYR A 80 -3.57 12.46 -6.54
CA TYR A 80 -3.65 11.45 -5.45
C TYR A 80 -2.24 11.09 -4.99
N TYR A 81 -1.31 10.94 -5.94
CA TYR A 81 0.05 10.40 -5.69
C TYR A 81 0.97 11.46 -5.10
N ARG A 82 0.64 12.74 -5.27
CA ARG A 82 1.50 13.90 -4.90
CA ARG A 82 1.57 13.86 -4.94
C ARG A 82 2.04 13.72 -3.48
N GLU A 83 3.35 13.80 -3.30
CA GLU A 83 4.06 13.81 -1.99
C GLU A 83 4.02 12.43 -1.31
N ALA A 84 3.50 11.38 -1.95
CA ALA A 84 3.57 10.02 -1.37
C ALA A 84 5.04 9.58 -1.35
N MET A 85 5.44 8.86 -0.30
CA MET A 85 6.78 8.28 -0.14
C MET A 85 6.77 6.75 -0.37
N GLY A 86 5.60 6.16 -0.56
CA GLY A 86 5.49 4.71 -0.83
C GLY A 86 4.09 4.28 -1.18
N ALA A 87 3.98 3.04 -1.61
CA ALA A 87 2.67 2.50 -2.00
C ALA A 87 2.64 0.98 -1.78
N PHE A 88 1.44 0.54 -1.54
CA PHE A 88 1.01 -0.86 -1.72
C PHE A 88 0.18 -0.91 -2.99
N ILE A 89 0.50 -1.89 -3.81
CA ILE A 89 -0.38 -2.25 -4.95
C ILE A 89 -0.92 -3.64 -4.61
N VAL A 90 -2.24 -3.73 -4.65
CA VAL A 90 -3.01 -4.91 -4.16
C VAL A 90 -3.70 -5.58 -5.34
N PHE A 91 -3.69 -6.91 -5.34
CA PHE A 91 -4.58 -7.71 -6.21
C PHE A 91 -5.22 -8.81 -5.37
N ASP A 92 -6.18 -9.48 -5.97
CA ASP A 92 -7.02 -10.52 -5.36
C ASP A 92 -6.53 -11.84 -5.94
N VAL A 93 -5.91 -12.69 -5.12
CA VAL A 93 -5.32 -13.99 -5.56
C VAL A 93 -6.41 -14.85 -6.22
N THR A 94 -7.69 -14.63 -5.95
CA THR A 94 -8.82 -15.40 -6.55
C THR A 94 -9.22 -14.87 -7.93
N ARG A 95 -8.73 -13.70 -8.36
CA ARG A 95 -9.17 -13.05 -9.63
C ARG A 95 -7.92 -12.59 -10.38
N PRO A 96 -7.37 -13.47 -11.24
CA PRO A 96 -6.15 -13.17 -12.00
C PRO A 96 -6.23 -11.90 -12.88
N ALA A 97 -7.42 -11.48 -13.34
CA ALA A 97 -7.55 -10.18 -14.07
C ALA A 97 -7.02 -9.04 -13.17
N THR A 98 -7.15 -9.13 -11.84
CA THR A 98 -6.69 -8.05 -10.91
C THR A 98 -5.16 -8.03 -10.84
N PHE A 99 -4.52 -9.16 -11.08
CA PHE A 99 -3.05 -9.25 -11.16
C PHE A 99 -2.57 -8.47 -12.40
N GLU A 100 -3.27 -8.61 -13.53
CA GLU A 100 -2.94 -7.85 -14.76
C GLU A 100 -2.99 -6.34 -14.51
N ALA A 101 -3.89 -5.87 -13.63
CA ALA A 101 -4.04 -4.44 -13.30
C ALA A 101 -2.85 -3.92 -12.47
N VAL A 102 -2.09 -4.82 -11.85
CA VAL A 102 -0.94 -4.41 -10.99
C VAL A 102 0.05 -3.57 -11.82
N ALA A 103 0.49 -4.06 -12.97
CA ALA A 103 1.45 -3.32 -13.84
C ALA A 103 0.79 -2.01 -14.30
N LYS A 104 -0.51 -2.03 -14.64
CA LYS A 104 -1.27 -0.81 -15.03
C LYS A 104 -1.11 0.26 -13.94
N TRP A 105 -1.43 -0.09 -12.70
CA TRP A 105 -1.25 0.83 -11.54
C TRP A 105 0.21 1.22 -11.35
N LYS A 106 1.12 0.25 -11.40
CA LYS A 106 2.57 0.54 -11.19
C LYS A 106 3.07 1.54 -12.25
N ASN A 107 2.73 1.33 -13.51
CA ASN A 107 3.15 2.21 -14.63
C ASN A 107 2.51 3.60 -14.45
N ASP A 108 1.25 3.66 -14.04
CA ASP A 108 0.56 4.94 -13.77
C ASP A 108 1.33 5.68 -12.65
N LEU A 109 1.60 5.00 -11.55
CA LEU A 109 2.32 5.61 -10.41
C LEU A 109 3.71 6.08 -10.83
N ASP A 110 4.50 5.24 -11.49
CA ASP A 110 5.92 5.56 -11.79
C ASP A 110 5.96 6.70 -12.82
N SER A 111 4.95 6.81 -13.69
CA SER A 111 4.88 7.87 -14.73
CA SER A 111 4.87 7.87 -14.72
C SER A 111 4.56 9.22 -14.07
N LYS A 112 3.92 9.21 -12.90
CA LYS A 112 3.33 10.43 -12.33
C LYS A 112 3.97 10.84 -11.00
N LEU A 113 4.82 9.99 -10.42
CA LEU A 113 5.44 10.28 -9.12
C LEU A 113 6.88 9.76 -9.08
N SER A 114 7.78 10.61 -8.61
CA SER A 114 9.14 10.20 -8.19
C SER A 114 9.47 10.94 -6.91
N LEU A 115 10.40 10.41 -6.11
CA LEU A 115 10.98 11.16 -4.97
C LEU A 115 11.68 12.41 -5.49
N PRO A 116 11.93 13.41 -4.62
CA PRO A 116 12.72 14.59 -5.01
C PRO A 116 13.97 14.26 -5.85
N ASN A 117 14.78 13.28 -5.44
CA ASN A 117 16.02 12.86 -6.17
C ASN A 117 15.68 12.24 -7.55
N GLY A 118 14.40 12.15 -7.93
CA GLY A 118 14.01 11.53 -9.22
C GLY A 118 13.91 10.01 -9.14
N LYS A 119 14.20 9.40 -8.00
CA LYS A 119 14.08 7.93 -7.80
C LYS A 119 12.59 7.54 -7.74
N PRO A 120 12.23 6.36 -8.27
CA PRO A 120 10.87 5.84 -8.12
C PRO A 120 10.63 5.56 -6.63
N VAL A 121 9.38 5.67 -6.19
CA VAL A 121 9.02 5.42 -4.77
C VAL A 121 9.04 3.90 -4.49
N SER A 122 9.23 3.55 -3.24
CA SER A 122 9.21 2.13 -2.78
C SER A 122 7.78 1.62 -2.90
N VAL A 123 7.63 0.47 -3.53
CA VAL A 123 6.29 -0.13 -3.69
C VAL A 123 6.40 -1.60 -3.30
N VAL A 124 5.48 -2.03 -2.46
CA VAL A 124 5.29 -3.45 -2.10
C VAL A 124 4.01 -3.95 -2.76
N LEU A 125 4.06 -5.19 -3.26
CA LEU A 125 2.94 -5.89 -3.91
C LEU A 125 2.25 -6.78 -2.87
N LEU A 126 0.93 -6.64 -2.71
CA LEU A 126 0.12 -7.46 -1.78
C LEU A 126 -0.80 -8.39 -2.58
N ALA A 127 -0.56 -9.69 -2.46
CA ALA A 127 -1.37 -10.78 -3.03
C ALA A 127 -2.44 -11.14 -1.97
N ASN A 128 -3.56 -10.43 -2.02
CA ASN A 128 -4.54 -10.40 -0.91
C ASN A 128 -5.61 -11.48 -1.07
N LYS A 129 -6.27 -11.79 0.06
CA LYS A 129 -7.31 -12.85 0.22
C LYS A 129 -6.67 -14.23 0.21
N CYS A 130 -5.42 -14.36 0.68
CA CYS A 130 -4.69 -15.66 0.67
CA CYS A 130 -4.75 -15.68 0.60
C CYS A 130 -5.39 -16.69 1.57
N ASP A 131 -6.39 -16.25 2.37
CA ASP A 131 -7.23 -17.16 3.20
C ASP A 131 -8.21 -17.95 2.30
N GLN A 132 -8.39 -17.55 1.05
CA GLN A 132 -9.26 -18.28 0.08
C GLN A 132 -8.44 -19.38 -0.62
N ASN A 140 6.13 -20.63 -7.97
CA ASN A 140 5.33 -19.39 -8.11
C ASN A 140 5.94 -18.31 -7.21
N GLY A 141 6.50 -18.69 -6.06
CA GLY A 141 7.43 -17.88 -5.24
C GLY A 141 8.51 -17.22 -6.10
N LEU A 142 9.24 -18.01 -6.90
CA LEU A 142 10.30 -17.51 -7.82
C LEU A 142 9.69 -16.53 -8.84
N LYS A 143 8.57 -16.89 -9.45
CA LYS A 143 7.85 -16.06 -10.46
C LYS A 143 7.37 -14.73 -9.85
N MET A 144 6.83 -14.74 -8.64
CA MET A 144 6.49 -13.48 -7.91
C MET A 144 7.77 -12.70 -7.70
N ASP A 145 8.90 -13.33 -7.33
CA ASP A 145 10.18 -12.61 -7.21
C ASP A 145 10.57 -12.01 -8.58
N GLN A 146 10.48 -12.78 -9.65
CA GLN A 146 10.89 -12.32 -11.01
C GLN A 146 9.98 -11.14 -11.36
N PHE A 147 8.68 -11.21 -11.03
CA PHE A 147 7.69 -10.17 -11.38
C PHE A 147 8.11 -8.86 -10.70
N CYS A 148 8.53 -8.95 -9.44
CA CYS A 148 8.93 -7.78 -8.66
C CYS A 148 10.14 -7.13 -9.33
N LYS A 149 11.12 -7.93 -9.75
CA LYS A 149 12.36 -7.42 -10.40
C LYS A 149 11.98 -6.78 -11.74
N GLU A 150 11.08 -7.40 -12.51
CA GLU A 150 10.68 -6.88 -13.84
CA GLU A 150 10.64 -6.91 -13.85
C GLU A 150 9.88 -5.59 -13.73
N HIS A 151 9.12 -5.39 -12.64
CA HIS A 151 8.17 -4.25 -12.57
C HIS A 151 8.57 -3.26 -11.49
N GLY A 152 9.71 -3.47 -10.84
CA GLY A 152 10.29 -2.50 -9.89
C GLY A 152 9.54 -2.46 -8.57
N PHE A 153 9.16 -3.62 -8.05
CA PHE A 153 8.68 -3.74 -6.65
C PHE A 153 9.84 -4.13 -5.74
N VAL A 154 9.84 -3.62 -4.49
CA VAL A 154 10.87 -3.96 -3.48
C VAL A 154 10.53 -5.28 -2.78
N GLY A 155 9.31 -5.80 -2.99
CA GLY A 155 8.84 -6.94 -2.19
C GLY A 155 7.40 -7.31 -2.52
N TRP A 156 7.03 -8.54 -2.21
CA TRP A 156 5.62 -8.98 -2.30
C TRP A 156 5.30 -9.84 -1.08
N PHE A 157 4.02 -9.85 -0.70
CA PHE A 157 3.50 -10.67 0.41
C PHE A 157 2.10 -11.18 0.06
N GLU A 158 1.82 -12.43 0.45
CA GLU A 158 0.47 -13.00 0.53
C GLU A 158 -0.18 -12.41 1.78
N THR A 159 -1.34 -11.77 1.63
CA THR A 159 -2.01 -11.07 2.76
C THR A 159 -3.43 -11.58 2.88
N SER A 160 -3.96 -11.36 4.06
CA SER A 160 -5.39 -11.55 4.43
C SER A 160 -5.77 -10.47 5.44
N ALA A 161 -6.65 -9.56 5.04
CA ALA A 161 -7.34 -8.62 5.94
C ALA A 161 -8.23 -9.46 6.88
N LYS A 162 -8.85 -10.51 6.37
CA LYS A 162 -9.76 -11.38 7.16
C LYS A 162 -8.97 -12.06 8.27
N GLU A 163 -7.84 -12.71 7.98
CA GLU A 163 -7.14 -13.55 9.00
C GLU A 163 -5.97 -12.75 9.59
N ASN A 164 -5.74 -11.53 9.13
CA ASN A 164 -4.62 -10.66 9.57
C ASN A 164 -3.28 -11.35 9.30
N ILE A 165 -3.02 -11.68 8.04
CA ILE A 165 -1.75 -12.33 7.61
C ILE A 165 -0.91 -11.29 6.86
N ASN A 166 0.32 -11.03 7.35
CA ASN A 166 1.46 -10.35 6.67
C ASN A 166 1.19 -8.86 6.41
N ILE A 167 0.11 -8.30 6.94
CA ILE A 167 -0.17 -6.84 6.79
C ILE A 167 0.79 -6.04 7.70
N ASP A 168 1.00 -6.42 8.97
CA ASP A 168 2.03 -5.76 9.81
C ASP A 168 3.41 -5.88 9.17
N GLU A 169 3.73 -7.05 8.60
CA GLU A 169 5.06 -7.35 8.03
C GLU A 169 5.29 -6.55 6.74
N ALA A 170 4.31 -6.50 5.84
CA ALA A 170 4.45 -5.79 4.56
C ALA A 170 4.64 -4.30 4.84
N SER A 171 3.85 -3.74 5.75
CA SER A 171 3.95 -2.29 6.12
CA SER A 171 3.92 -2.31 6.17
C SER A 171 5.31 -2.00 6.77
N ARG A 172 5.75 -2.83 7.71
CA ARG A 172 7.08 -2.70 8.35
C ARG A 172 8.16 -2.66 7.27
N CYS A 173 8.10 -3.58 6.32
CA CYS A 173 9.13 -3.71 5.24
C CYS A 173 9.05 -2.51 4.30
N LEU A 174 7.85 -2.00 4.02
CA LEU A 174 7.75 -0.80 3.17
C LEU A 174 8.37 0.40 3.90
N VAL A 175 8.02 0.63 5.16
CA VAL A 175 8.58 1.77 5.93
C VAL A 175 10.11 1.65 6.04
N LYS A 176 10.61 0.43 6.27
CA LYS A 176 12.08 0.14 6.25
C LYS A 176 12.70 0.70 4.97
N HIS A 177 12.08 0.44 3.81
CA HIS A 177 12.60 0.90 2.49
C HIS A 177 12.52 2.41 2.35
N ILE A 178 11.41 3.02 2.79
CA ILE A 178 11.20 4.50 2.74
C ILE A 178 12.28 5.18 3.60
N LEU A 179 12.49 4.72 4.83
CA LEU A 179 13.60 5.27 5.67
C LEU A 179 14.95 5.10 4.93
N ALA A 180 15.23 3.92 4.36
CA ALA A 180 16.50 3.57 3.67
C ALA A 180 16.85 4.61 2.59
N ASN A 181 15.87 5.12 1.83
CA ASN A 181 16.04 6.35 1.00
C ASN A 181 15.79 7.58 1.88
N GLU A 182 16.69 7.85 2.84
CA GLU A 182 16.64 9.07 3.70
C GLU A 182 18.07 9.39 4.18
#